data_8CMH
#
_entry.id   8CMH
#
_cell.length_a   91.034
_cell.length_b   120.186
_cell.length_c   40.879
_cell.angle_alpha   90.000
_cell.angle_beta   90.000
_cell.angle_gamma   90.000
#
_symmetry.space_group_name_H-M   'P 21 21 2'
#
loop_
_entity.id
_entity.type
_entity.pdbx_description
1 polymer 'HLA class II histocompatibility antigen, DR alpha chain'
2 polymer 'Human leukocyte antigen DR beta chain allotype DR1 (DRB1*0101)'
3 polymer "Spike protein S2'"
4 non-polymer 1,2-ETHANEDIOL
5 non-polymer 'SULFATE ION'
6 non-polymer 2-AMINO-ETHANETHIOL
7 water water
#
loop_
_entity_poly.entity_id
_entity_poly.type
_entity_poly.pdbx_seq_one_letter_code
_entity_poly.pdbx_strand_id
1 'polypeptide(L)'
;MIKEEHVIIQAEFYLNPDQSGEFMFDFDGDEIFHVDMAKKETVWRLEEFGRFASFEAQGALANIAVDKANLEIMTKRSNY
TPITNVPPEVTVLTNSPVELREPNVLICFIDKFTPPVVNVTWLRNGKPVTTGVSETVFLPREDHLFRKFHYLPFLPSTED
VYDCRVEHWGLDEPLLKHWEFDA
;
A
2 'polypeptide(L)'
;MGSMGDTRPRFLWQLKFECHFFNGTERVRLLERCIYNQEESVRFDSDVGEYRAVTELGRPDAEYWNSQKDLLEQRRAAVD
TYCRHNYGVGESFTVQRRVEPKVTVYPSKTQPLQHHNLLVCSVSGFYPGSIEVRWFRNGQEEKAGVVSTGLIQNGDWTFQ
TLVMLETVPRSGEVYTCQVEHPSVTSPLTVEWRA
;
B
3 'polypeptide(L)' FNCYFPLRSYSFRPTYGVGH C
#
# COMPACT_ATOMS: atom_id res chain seq x y z
N GLU A 4 16.67 5.39 4.87
CA GLU A 4 16.97 4.44 3.80
C GLU A 4 16.59 4.96 2.44
N GLU A 5 17.08 4.29 1.41
CA GLU A 5 16.55 4.57 0.08
C GLU A 5 15.39 3.66 -0.27
N HIS A 6 15.50 2.34 -0.03
CA HIS A 6 14.47 1.44 -0.51
C HIS A 6 14.37 0.19 0.36
N VAL A 7 13.19 -0.41 0.35
CA VAL A 7 12.95 -1.63 1.13
CA VAL A 7 12.94 -1.63 1.13
C VAL A 7 12.09 -2.57 0.29
N ILE A 8 12.50 -3.84 0.23
CA ILE A 8 11.71 -4.90 -0.37
C ILE A 8 11.25 -5.81 0.76
N ILE A 9 9.96 -6.09 0.81
CA ILE A 9 9.39 -6.93 1.87
C ILE A 9 8.69 -8.13 1.23
N GLN A 10 9.10 -9.32 1.63
CA GLN A 10 8.32 -10.54 1.39
C GLN A 10 7.40 -10.71 2.60
N ALA A 11 6.09 -10.54 2.39
CA ALA A 11 5.12 -10.50 3.49
C ALA A 11 4.16 -11.66 3.31
N GLU A 12 4.02 -12.48 4.33
CA GLU A 12 3.13 -13.64 4.28
C GLU A 12 2.21 -13.60 5.48
N PHE A 13 1.03 -14.20 5.34
CA PHE A 13 0.25 -14.41 6.55
C PHE A 13 -0.57 -15.68 6.41
N TYR A 14 -0.99 -16.20 7.55
CA TYR A 14 -1.99 -17.25 7.60
C TYR A 14 -2.98 -16.91 8.71
N LEU A 15 -4.27 -17.12 8.44
CA LEU A 15 -5.33 -16.75 9.36
C LEU A 15 -6.27 -17.93 9.59
N ASN A 16 -6.49 -18.26 10.87
CA ASN A 16 -7.43 -19.30 11.30
C ASN A 16 -8.58 -18.67 12.07
N PRO A 17 -9.78 -19.25 12.04
CA PRO A 17 -10.13 -20.53 11.39
C PRO A 17 -10.45 -20.45 9.90
N ASP A 18 -10.18 -19.29 9.30
CA ASP A 18 -10.50 -19.05 7.91
C ASP A 18 -9.68 -19.90 6.95
N GLN A 19 -8.52 -20.39 7.38
CA GLN A 19 -7.60 -21.12 6.52
C GLN A 19 -7.25 -20.27 5.29
N SER A 20 -6.94 -19.00 5.55
CA SER A 20 -6.69 -18.02 4.51
C SER A 20 -5.23 -17.61 4.57
N GLY A 21 -4.55 -17.71 3.44
CA GLY A 21 -3.17 -17.29 3.38
C GLY A 21 -2.91 -16.23 2.33
N GLU A 22 -1.78 -15.54 2.48
CA GLU A 22 -1.37 -14.56 1.50
C GLU A 22 0.15 -14.56 1.45
N PHE A 23 0.69 -14.36 0.25
CA PHE A 23 2.12 -14.23 0.03
C PHE A 23 2.33 -13.12 -1.01
N MET A 24 3.09 -12.10 -0.64
CA MET A 24 3.27 -10.98 -1.56
C MET A 24 4.65 -10.35 -1.38
N PHE A 25 5.12 -9.68 -2.43
CA PHE A 25 6.34 -8.89 -2.40
C PHE A 25 5.95 -7.42 -2.49
N ASP A 26 6.62 -6.60 -1.70
CA ASP A 26 6.33 -5.17 -1.54
C ASP A 26 7.61 -4.39 -1.80
N PHE A 27 7.52 -3.32 -2.60
CA PHE A 27 8.64 -2.40 -2.83
C PHE A 27 8.20 -1.01 -2.43
N ASP A 28 8.86 -0.46 -1.40
CA ASP A 28 8.57 0.90 -0.93
C ASP A 28 7.07 1.14 -0.73
N GLY A 29 6.35 0.09 -0.32
CA GLY A 29 4.94 0.24 -0.01
C GLY A 29 3.98 -0.11 -1.12
N ASP A 30 4.47 -0.44 -2.30
CA ASP A 30 3.61 -0.91 -3.38
C ASP A 30 3.83 -2.39 -3.62
N GLU A 31 2.78 -3.07 -4.08
CA GLU A 31 2.85 -4.50 -4.32
C GLU A 31 3.53 -4.81 -5.65
N ILE A 32 4.58 -5.65 -5.62
CA ILE A 32 5.13 -6.15 -6.88
C ILE A 32 4.27 -7.27 -7.44
N PHE A 33 3.98 -8.27 -6.61
CA PHE A 33 3.14 -9.40 -7.01
C PHE A 33 2.63 -10.07 -5.75
N HIS A 34 1.63 -10.93 -5.94
CA HIS A 34 1.20 -11.87 -4.90
C HIS A 34 0.94 -13.20 -5.58
N VAL A 35 0.72 -14.23 -4.78
CA VAL A 35 0.37 -15.55 -5.29
C VAL A 35 -1.09 -15.82 -4.97
N ASP A 36 -1.86 -16.10 -6.01
CA ASP A 36 -3.26 -16.49 -5.84
C ASP A 36 -3.34 -17.89 -5.26
N MET A 37 -3.86 -18.00 -4.02
CA MET A 37 -3.89 -19.29 -3.33
C MET A 37 -4.84 -20.27 -3.99
N ALA A 38 -5.87 -19.79 -4.68
CA ALA A 38 -6.82 -20.71 -5.31
C ALA A 38 -6.29 -21.25 -6.63
N LYS A 39 -5.80 -20.37 -7.50
CA LYS A 39 -5.25 -20.78 -8.78
C LYS A 39 -3.79 -21.22 -8.68
N LYS A 40 -3.13 -20.97 -7.55
CA LYS A 40 -1.75 -21.36 -7.33
C LYS A 40 -0.84 -20.75 -8.39
N GLU A 41 -0.99 -19.44 -8.61
CA GLU A 41 -0.26 -18.77 -9.68
C GLU A 41 0.15 -17.37 -9.25
N THR A 42 1.27 -16.92 -9.81
CA THR A 42 1.79 -15.60 -9.54
C THR A 42 0.96 -14.56 -10.28
N VAL A 43 0.56 -13.50 -9.57
CA VAL A 43 -0.26 -12.43 -10.12
C VAL A 43 0.52 -11.15 -9.97
N TRP A 44 0.94 -10.56 -11.10
CA TRP A 44 1.74 -9.36 -11.06
C TRP A 44 0.85 -8.14 -10.92
N ARG A 45 1.26 -7.19 -10.09
CA ARG A 45 0.41 -6.04 -9.80
C ARG A 45 0.23 -5.16 -11.04
N LEU A 46 1.30 -4.96 -11.80
CA LEU A 46 1.24 -4.29 -13.09
C LEU A 46 1.59 -5.29 -14.19
N GLU A 47 0.87 -5.24 -15.30
CA GLU A 47 1.05 -6.25 -16.34
C GLU A 47 2.50 -6.34 -16.80
N GLU A 48 3.19 -5.19 -16.90
CA GLU A 48 4.55 -5.21 -17.44
C GLU A 48 5.50 -5.97 -16.52
N PHE A 49 5.22 -6.03 -15.22
CA PHE A 49 6.10 -6.74 -14.30
C PHE A 49 6.28 -8.19 -14.71
N GLY A 50 5.20 -8.83 -15.18
CA GLY A 50 5.28 -10.21 -15.59
C GLY A 50 6.03 -10.41 -16.89
N ARG A 51 6.29 -9.34 -17.63
CA ARG A 51 7.15 -9.46 -18.78
C ARG A 51 8.62 -9.36 -18.38
N PHE A 52 8.90 -8.70 -17.26
CA PHE A 52 10.26 -8.42 -16.83
C PHE A 52 10.81 -9.47 -15.88
N ALA A 53 9.96 -10.16 -15.13
CA ALA A 53 10.44 -11.00 -14.04
C ALA A 53 9.53 -12.21 -13.87
N SER A 54 9.99 -13.16 -13.08
CA SER A 54 9.25 -14.38 -12.81
CA SER A 54 9.26 -14.39 -12.81
C SER A 54 9.33 -14.70 -11.33
N PHE A 55 8.40 -15.55 -10.88
CA PHE A 55 8.40 -16.07 -9.52
C PHE A 55 7.69 -17.41 -9.49
N GLU A 56 8.33 -18.41 -8.89
CA GLU A 56 7.76 -19.75 -8.83
C GLU A 56 6.75 -19.83 -7.70
N ALA A 57 5.46 -19.93 -8.06
CA ALA A 57 4.38 -19.88 -7.07
C ALA A 57 4.52 -20.99 -6.03
N GLN A 58 5.08 -22.14 -6.41
CA GLN A 58 5.14 -23.25 -5.48
C GLN A 58 6.00 -22.92 -4.27
N GLY A 59 6.96 -22.01 -4.42
CA GLY A 59 7.74 -21.59 -3.27
C GLY A 59 6.89 -20.88 -2.22
N ALA A 60 5.97 -20.03 -2.67
CA ALA A 60 5.03 -19.39 -1.76
C ALA A 60 4.12 -20.40 -1.08
N LEU A 61 3.61 -21.36 -1.85
CA LEU A 61 2.69 -22.35 -1.28
C LEU A 61 3.38 -23.18 -0.20
N ALA A 62 4.66 -23.51 -0.42
CA ALA A 62 5.41 -24.26 0.59
C ALA A 62 5.56 -23.44 1.87
N ASN A 63 5.87 -22.14 1.74
CA ASN A 63 5.98 -21.30 2.92
C ASN A 63 4.63 -21.17 3.64
N ILE A 64 3.54 -21.06 2.87
CA ILE A 64 2.22 -20.90 3.48
C ILE A 64 1.88 -22.11 4.34
N ALA A 65 2.25 -23.32 3.89
CA ALA A 65 1.99 -24.50 4.70
C ALA A 65 2.74 -24.43 6.03
N VAL A 66 3.99 -23.97 6.00
CA VAL A 66 4.75 -23.80 7.23
C VAL A 66 4.13 -22.70 8.09
N ASP A 67 3.69 -21.60 7.47
CA ASP A 67 3.02 -20.54 8.24
C ASP A 67 1.79 -21.07 8.97
N LYS A 68 1.00 -21.91 8.31
CA LYS A 68 -0.17 -22.50 8.96
C LYS A 68 0.26 -23.30 10.19
N ALA A 69 1.29 -24.14 10.04
CA ALA A 69 1.78 -24.95 11.15
C ALA A 69 2.28 -24.08 12.28
N ASN A 70 3.07 -23.05 11.96
CA ASN A 70 3.56 -22.14 12.99
C ASN A 70 2.43 -21.37 13.65
N LEU A 71 1.43 -20.95 12.87
CA LEU A 71 0.28 -20.29 13.48
C LEU A 71 -0.37 -21.18 14.51
N GLU A 72 -0.53 -22.46 14.20
CA GLU A 72 -1.22 -23.34 15.14
C GLU A 72 -0.40 -23.58 16.39
N ILE A 73 0.93 -23.68 16.25
CA ILE A 73 1.79 -23.74 17.43
C ILE A 73 1.63 -22.48 18.28
N MET A 74 1.63 -21.31 17.65
CA MET A 74 1.54 -20.10 18.45
C MET A 74 0.16 -19.94 19.06
N THR A 75 -0.88 -20.37 18.35
CA THR A 75 -2.22 -20.33 18.91
C THR A 75 -2.30 -21.14 20.21
N LYS A 76 -1.78 -22.36 20.17
CA LYS A 76 -1.78 -23.17 21.40
C LYS A 76 -0.88 -22.57 22.47
N ARG A 77 0.26 -22.00 22.07
CA ARG A 77 1.21 -21.51 23.06
C ARG A 77 0.65 -20.32 23.82
N SER A 78 -0.20 -19.53 23.18
CA SER A 78 -0.82 -18.35 23.80
C SER A 78 -2.14 -18.69 24.48
N ASN A 79 -2.47 -19.97 24.64
CA ASN A 79 -3.76 -20.39 25.17
C ASN A 79 -4.90 -19.77 24.35
N TYR A 80 -4.74 -19.84 23.03
CA TYR A 80 -5.77 -19.38 22.10
C TYR A 80 -6.13 -17.93 22.35
N THR A 81 -5.11 -17.09 22.54
CA THR A 81 -5.32 -15.65 22.60
C THR A 81 -5.72 -15.13 21.22
N PRO A 82 -6.91 -14.57 21.06
CA PRO A 82 -7.34 -14.16 19.73
C PRO A 82 -6.84 -12.77 19.39
N ILE A 83 -6.91 -12.45 18.11
CA ILE A 83 -6.53 -11.11 17.68
C ILE A 83 -7.60 -10.11 18.14
N THR A 84 -7.14 -8.92 18.52
CA THR A 84 -8.05 -7.81 18.79
C THR A 84 -8.41 -7.14 17.47
N ASN A 85 -9.70 -7.08 17.15
CA ASN A 85 -10.13 -6.43 15.93
C ASN A 85 -9.75 -4.96 15.96
N VAL A 86 -9.20 -4.45 14.85
CA VAL A 86 -8.95 -3.03 14.69
C VAL A 86 -9.70 -2.60 13.44
N PRO A 87 -10.70 -1.74 13.55
CA PRO A 87 -11.54 -1.41 12.39
C PRO A 87 -10.81 -0.53 11.39
N PRO A 88 -11.19 -0.60 10.12
CA PRO A 88 -10.51 0.21 9.10
C PRO A 88 -10.94 1.67 9.12
N GLU A 89 -10.06 2.50 8.55
CA GLU A 89 -10.37 3.87 8.16
C GLU A 89 -10.60 3.86 6.66
N VAL A 90 -11.62 4.57 6.19
CA VAL A 90 -12.01 4.45 4.79
C VAL A 90 -12.09 5.84 4.17
N THR A 91 -11.52 5.98 2.98
CA THR A 91 -11.57 7.20 2.18
C THR A 91 -11.94 6.84 0.76
N VAL A 92 -12.81 7.64 0.15
CA VAL A 92 -13.21 7.47 -1.24
C VAL A 92 -12.70 8.67 -2.01
N LEU A 93 -12.04 8.42 -3.14
CA LEU A 93 -11.53 9.50 -3.98
C LEU A 93 -11.49 8.99 -5.40
N THR A 94 -11.19 9.90 -6.33
CA THR A 94 -11.03 9.51 -7.72
C THR A 94 -9.56 9.52 -8.09
N ASN A 95 -9.23 8.71 -9.11
CA ASN A 95 -7.87 8.62 -9.64
CA ASN A 95 -7.82 8.68 -9.49
C ASN A 95 -7.40 9.91 -10.28
N SER A 96 -8.33 10.75 -10.72
CA SER A 96 -8.00 11.98 -11.43
C SER A 96 -9.17 12.95 -11.30
N PRO A 97 -8.95 14.24 -11.59
CA PRO A 97 -10.06 15.20 -11.56
C PRO A 97 -11.20 14.76 -12.46
N VAL A 98 -12.41 14.99 -11.98
CA VAL A 98 -13.62 14.45 -12.60
C VAL A 98 -14.15 15.43 -13.65
N GLU A 99 -14.33 14.95 -14.87
CA GLU A 99 -15.02 15.66 -15.93
C GLU A 99 -16.23 14.84 -16.36
N LEU A 100 -17.35 15.50 -16.60
CA LEU A 100 -18.56 14.78 -16.99
C LEU A 100 -18.31 14.00 -18.28
N ARG A 101 -18.77 12.75 -18.29
CA ARG A 101 -18.69 11.86 -19.44
C ARG A 101 -17.26 11.50 -19.84
N GLU A 102 -16.30 11.70 -18.95
CA GLU A 102 -14.92 11.30 -19.22
C GLU A 102 -14.52 10.18 -18.27
N PRO A 103 -14.15 9.00 -18.78
CA PRO A 103 -13.94 7.85 -17.90
C PRO A 103 -12.96 8.15 -16.77
N ASN A 104 -13.31 7.66 -15.59
CA ASN A 104 -12.55 7.88 -14.37
C ASN A 104 -12.61 6.61 -13.54
N VAL A 105 -12.01 6.64 -12.35
CA VAL A 105 -12.00 5.48 -11.48
C VAL A 105 -12.24 5.94 -10.05
N LEU A 106 -13.21 5.36 -9.39
CA LEU A 106 -13.41 5.58 -7.97
C LEU A 106 -12.51 4.63 -7.20
N ILE A 107 -11.84 5.15 -6.17
CA ILE A 107 -10.95 4.38 -5.31
C ILE A 107 -11.54 4.32 -3.91
N CYS A 108 -11.69 3.11 -3.38
CA CYS A 108 -12.03 2.94 -1.97
C CYS A 108 -10.75 2.54 -1.23
N PHE A 109 -10.28 3.43 -0.37
CA PHE A 109 -9.00 3.33 0.31
C PHE A 109 -9.28 2.86 1.74
N ILE A 110 -8.83 1.65 2.07
CA ILE A 110 -9.16 1.00 3.34
C ILE A 110 -7.86 0.76 4.10
N ASP A 111 -7.74 1.36 5.29
CA ASP A 111 -6.44 1.46 5.95
C ASP A 111 -6.53 1.11 7.43
N LYS A 112 -5.41 0.61 7.97
CA LYS A 112 -5.18 0.52 9.42
C LYS A 112 -6.13 -0.47 10.11
N PHE A 113 -6.28 -1.66 9.54
CA PHE A 113 -7.19 -2.65 10.10
C PHE A 113 -6.52 -4.01 10.22
N THR A 114 -7.12 -4.84 11.08
CA THR A 114 -6.76 -6.24 11.25
C THR A 114 -7.91 -6.92 12.00
N PRO A 115 -8.15 -8.23 11.78
CA PRO A 115 -7.47 -9.16 10.87
C PRO A 115 -7.72 -8.83 9.40
N PRO A 116 -6.97 -9.46 8.48
CA PRO A 116 -7.12 -9.19 7.04
C PRO A 116 -8.33 -9.89 6.44
N VAL A 117 -9.50 -9.43 6.89
CA VAL A 117 -10.80 -9.87 6.38
C VAL A 117 -11.66 -8.62 6.31
N VAL A 118 -12.19 -8.32 5.13
CA VAL A 118 -13.03 -7.14 4.98
C VAL A 118 -14.05 -7.43 3.88
N ASN A 119 -15.17 -6.72 3.93
CA ASN A 119 -16.16 -6.80 2.87
C ASN A 119 -16.44 -5.41 2.34
N VAL A 120 -16.32 -5.25 1.03
CA VAL A 120 -16.45 -3.95 0.39
C VAL A 120 -17.52 -4.08 -0.68
N THR A 121 -18.48 -3.16 -0.66
CA THR A 121 -19.52 -3.11 -1.69
C THR A 121 -19.57 -1.70 -2.25
N TRP A 122 -19.47 -1.57 -3.57
CA TRP A 122 -19.76 -0.32 -4.24
C TRP A 122 -21.26 -0.20 -4.46
N LEU A 123 -21.83 0.95 -4.12
CA LEU A 123 -23.24 1.23 -4.34
C LEU A 123 -23.38 2.44 -5.28
N ARG A 124 -24.20 2.28 -6.32
CA ARG A 124 -24.56 3.39 -7.21
C ARG A 124 -26.03 3.67 -7.01
N ASN A 125 -26.35 4.90 -6.57
CA ASN A 125 -27.72 5.29 -6.27
C ASN A 125 -28.36 4.31 -5.29
N GLY A 126 -27.54 3.81 -4.35
CA GLY A 126 -27.99 2.91 -3.32
C GLY A 126 -28.08 1.46 -3.73
N LYS A 127 -27.63 1.10 -4.93
CA LYS A 127 -27.75 -0.26 -5.43
C LYS A 127 -26.38 -0.84 -5.70
N PRO A 128 -26.13 -2.10 -5.31
CA PRO A 128 -24.80 -2.68 -5.52
C PRO A 128 -24.45 -2.73 -7.00
N VAL A 129 -23.22 -2.36 -7.32
CA VAL A 129 -22.71 -2.41 -8.67
C VAL A 129 -21.38 -3.17 -8.65
N THR A 130 -21.18 -4.01 -9.67
CA THR A 130 -19.96 -4.81 -9.76
C THR A 130 -19.27 -4.70 -11.11
N THR A 131 -19.82 -3.94 -12.06
CA THR A 131 -19.30 -3.98 -13.43
C THR A 131 -17.91 -3.38 -13.46
N GLY A 132 -16.92 -4.21 -13.78
CA GLY A 132 -15.56 -3.76 -13.92
C GLY A 132 -14.82 -3.50 -12.63
N VAL A 133 -15.39 -3.85 -11.46
CA VAL A 133 -14.71 -3.58 -10.20
C VAL A 133 -13.46 -4.46 -10.09
N SER A 134 -12.49 -3.99 -9.32
CA SER A 134 -11.27 -4.76 -9.06
C SER A 134 -10.75 -4.37 -7.68
N GLU A 135 -9.77 -5.12 -7.19
CA GLU A 135 -9.31 -4.91 -5.82
C GLU A 135 -7.89 -5.45 -5.67
N THR A 136 -7.20 -4.97 -4.65
CA THR A 136 -5.89 -5.50 -4.33
C THR A 136 -5.99 -6.50 -3.19
N VAL A 137 -4.91 -7.25 -2.98
CA VAL A 137 -4.81 -8.09 -1.79
C VAL A 137 -4.50 -7.17 -0.63
N PHE A 138 -4.27 -7.75 0.54
CA PHE A 138 -3.96 -6.95 1.72
C PHE A 138 -2.51 -6.51 1.69
N LEU A 139 -2.28 -5.21 1.84
CA LEU A 139 -0.92 -4.70 1.86
C LEU A 139 -0.44 -4.53 3.28
N PRO A 140 0.81 -4.88 3.57
CA PRO A 140 1.31 -4.82 4.94
C PRO A 140 1.59 -3.39 5.37
N ARG A 141 1.51 -3.15 6.66
CA ARG A 141 1.86 -1.89 7.29
C ARG A 141 2.90 -2.13 8.36
N GLU A 142 3.69 -1.09 8.66
CA GLU A 142 4.74 -1.23 9.66
C GLU A 142 4.20 -1.49 11.06
N ASP A 143 2.96 -1.10 11.34
CA ASP A 143 2.35 -1.43 12.62
C ASP A 143 1.65 -2.78 12.58
N HIS A 144 1.86 -3.55 11.51
CA HIS A 144 1.38 -4.92 11.30
C HIS A 144 -0.12 -4.98 11.09
N LEU A 145 -0.76 -3.84 10.88
CA LEU A 145 -2.13 -3.78 10.38
C LEU A 145 -2.07 -3.90 8.86
N PHE A 146 -3.19 -3.65 8.18
CA PHE A 146 -3.23 -3.81 6.73
C PHE A 146 -3.90 -2.63 6.05
N ARG A 147 -3.66 -2.55 4.75
CA ARG A 147 -4.22 -1.57 3.83
C ARG A 147 -4.74 -2.32 2.61
N LYS A 148 -5.75 -1.76 1.93
CA LYS A 148 -6.36 -2.45 0.81
C LYS A 148 -7.03 -1.41 -0.09
N PHE A 149 -7.07 -1.70 -1.39
CA PHE A 149 -7.69 -0.78 -2.35
C PHE A 149 -8.76 -1.51 -3.16
N HIS A 150 -9.90 -0.85 -3.36
CA HIS A 150 -10.96 -1.34 -4.24
C HIS A 150 -11.27 -0.27 -5.27
N TYR A 151 -11.49 -0.69 -6.51
CA TYR A 151 -11.61 0.24 -7.62
C TYR A 151 -12.91 0.03 -8.38
N LEU A 152 -13.51 1.15 -8.80
CA LEU A 152 -14.71 1.14 -9.64
C LEU A 152 -14.54 2.11 -10.80
N PRO A 153 -14.26 1.63 -12.01
CA PRO A 153 -14.31 2.51 -13.18
C PRO A 153 -15.73 3.02 -13.38
N PHE A 154 -15.85 4.28 -13.79
CA PHE A 154 -17.19 4.86 -13.95
C PHE A 154 -17.17 6.02 -14.92
N LEU A 155 -18.35 6.33 -15.42
CA LEU A 155 -18.54 7.49 -16.29
C LEU A 155 -19.21 8.59 -15.48
N PRO A 156 -18.51 9.67 -15.16
CA PRO A 156 -19.10 10.70 -14.29
C PRO A 156 -20.35 11.31 -14.89
N SER A 157 -21.33 11.57 -14.04
CA SER A 157 -22.56 12.22 -14.45
C SER A 157 -23.12 13.02 -13.29
N THR A 158 -24.05 13.93 -13.60
CA THR A 158 -24.64 14.77 -12.57
C THR A 158 -25.71 14.04 -11.75
N GLU A 159 -26.20 12.91 -12.24
CA GLU A 159 -27.34 12.26 -11.63
C GLU A 159 -26.96 11.16 -10.66
N ASP A 160 -25.80 10.53 -10.85
CA ASP A 160 -25.42 9.37 -10.06
C ASP A 160 -24.73 9.79 -8.77
N VAL A 161 -24.95 8.99 -7.73
CA VAL A 161 -24.19 9.12 -6.50
C VAL A 161 -23.60 7.75 -6.20
N TYR A 162 -22.52 7.75 -5.41
CA TYR A 162 -21.81 6.53 -5.10
C TYR A 162 -21.50 6.44 -3.62
N ASP A 163 -21.45 5.21 -3.11
CA ASP A 163 -20.97 4.95 -1.76
C ASP A 163 -20.08 3.72 -1.79
N CYS A 164 -19.03 3.75 -0.99
CA CYS A 164 -18.27 2.55 -0.68
C CYS A 164 -18.69 2.09 0.70
N ARG A 165 -19.26 0.89 0.79
CA ARG A 165 -19.69 0.31 2.06
C ARG A 165 -18.64 -0.71 2.50
N VAL A 166 -18.11 -0.51 3.70
CA VAL A 166 -17.03 -1.35 4.21
C VAL A 166 -17.50 -2.00 5.50
N GLU A 167 -17.32 -3.31 5.60
CA GLU A 167 -17.72 -4.05 6.79
C GLU A 167 -16.53 -4.82 7.31
N HIS A 168 -16.46 -4.94 8.64
CA HIS A 168 -15.30 -5.52 9.30
C HIS A 168 -15.72 -5.91 10.72
N TRP A 169 -15.11 -6.97 11.24
CA TRP A 169 -15.48 -7.46 12.57
C TRP A 169 -15.28 -6.40 13.65
N GLY A 170 -14.42 -5.42 13.41
CA GLY A 170 -14.19 -4.35 14.36
C GLY A 170 -15.17 -3.21 14.27
N LEU A 171 -16.08 -3.24 13.29
CA LEU A 171 -17.07 -2.19 13.07
C LEU A 171 -18.42 -2.68 13.56
N ASP A 172 -19.05 -1.93 14.47
CA ASP A 172 -20.40 -2.27 14.91
CA ASP A 172 -20.39 -2.32 14.88
C ASP A 172 -21.41 -2.07 13.77
N GLU A 173 -21.20 -1.03 12.96
CA GLU A 173 -22.05 -0.71 11.82
C GLU A 173 -21.18 -0.55 10.58
N PRO A 174 -21.72 -0.84 9.40
CA PRO A 174 -20.91 -0.69 8.18
C PRO A 174 -20.51 0.78 8.01
N LEU A 175 -19.30 0.99 7.51
CA LEU A 175 -18.87 2.34 7.16
C LEU A 175 -19.42 2.65 5.77
N LEU A 176 -19.96 3.85 5.58
CA LEU A 176 -20.56 4.24 4.31
C LEU A 176 -19.91 5.56 3.91
N LYS A 177 -19.05 5.52 2.90
CA LYS A 177 -18.32 6.70 2.46
C LYS A 177 -18.85 7.13 1.10
N HIS A 178 -19.25 8.39 1.00
CA HIS A 178 -20.01 8.90 -0.12
C HIS A 178 -19.11 9.62 -1.12
N TRP A 179 -19.51 9.59 -2.38
CA TRP A 179 -18.94 10.43 -3.42
C TRP A 179 -20.03 10.80 -4.41
N GLU A 180 -20.05 12.06 -4.83
CA GLU A 180 -20.92 12.45 -5.94
C GLU A 180 -20.26 13.61 -6.66
N PHE A 181 -20.74 13.86 -7.88
CA PHE A 181 -20.15 14.88 -8.73
C PHE A 181 -20.14 16.23 -8.02
N ASP A 182 -18.97 16.87 -8.03
CA ASP A 182 -18.74 18.15 -7.37
C ASP A 182 -19.30 19.26 -8.25
N ALA A 183 -20.61 19.46 -8.15
CA ALA A 183 -21.32 20.40 -9.02
C ALA A 183 -21.14 21.84 -8.59
N MET B 1 -25.64 -5.77 16.72
CA MET B 1 -24.37 -5.12 16.41
C MET B 1 -23.45 -6.05 15.62
N GLY B 2 -22.36 -5.51 15.10
CA GLY B 2 -21.43 -6.26 14.29
C GLY B 2 -21.77 -6.18 12.82
N SER B 3 -20.87 -5.63 12.01
CA SER B 3 -21.15 -5.40 10.60
C SER B 3 -20.92 -6.62 9.73
N MET B 4 -20.46 -7.74 10.31
CA MET B 4 -20.19 -8.97 9.58
C MET B 4 -20.52 -10.14 10.50
N GLY B 5 -20.99 -11.24 9.91
CA GLY B 5 -21.25 -12.44 10.68
C GLY B 5 -19.99 -13.29 10.88
N ASP B 6 -20.17 -14.43 11.54
CA ASP B 6 -19.06 -15.33 11.92
C ASP B 6 -18.04 -14.60 12.80
N THR B 7 -18.44 -14.37 14.04
CA THR B 7 -17.61 -13.67 15.01
C THR B 7 -16.76 -14.62 15.87
N ARG B 8 -16.45 -15.80 15.35
CA ARG B 8 -15.50 -16.68 16.03
C ARG B 8 -14.17 -15.96 16.22
N PRO B 9 -13.46 -16.24 17.31
CA PRO B 9 -12.12 -15.65 17.52
C PRO B 9 -11.20 -15.99 16.36
N ARG B 10 -10.32 -15.04 16.00
CA ARG B 10 -9.36 -15.25 14.92
C ARG B 10 -7.94 -15.25 15.46
N PHE B 11 -7.07 -15.96 14.73
CA PHE B 11 -5.65 -16.09 15.10
C PHE B 11 -4.82 -15.87 13.85
N LEU B 12 -3.88 -14.94 13.91
CA LEU B 12 -3.15 -14.47 12.75
C LEU B 12 -1.66 -14.63 12.96
N TRP B 13 -0.96 -15.11 11.94
CA TRP B 13 0.48 -15.23 11.93
C TRP B 13 1.00 -14.54 10.69
N GLN B 14 1.98 -13.65 10.86
CA GLN B 14 2.61 -12.94 9.76
C GLN B 14 4.11 -13.19 9.79
N LEU B 15 4.69 -13.31 8.61
CA LEU B 15 6.12 -13.42 8.43
C LEU B 15 6.53 -12.32 7.48
N LYS B 16 7.51 -11.50 7.87
CA LYS B 16 7.97 -10.41 7.02
C LYS B 16 9.48 -10.51 6.90
N PHE B 17 9.97 -10.67 5.67
CA PHE B 17 11.39 -10.61 5.36
C PHE B 17 11.65 -9.25 4.72
N GLU B 18 12.29 -8.35 5.43
CA GLU B 18 12.53 -6.98 4.95
C GLU B 18 13.98 -6.83 4.54
N CYS B 19 14.20 -6.43 3.28
CA CYS B 19 15.53 -6.11 2.78
C CYS B 19 15.62 -4.59 2.70
N HIS B 20 16.47 -4.00 3.54
CA HIS B 20 16.66 -2.55 3.60
C HIS B 20 17.95 -2.19 2.87
N PHE B 21 17.86 -1.27 1.92
CA PHE B 21 18.98 -0.92 1.04
C PHE B 21 19.36 0.55 1.25
N PHE B 22 20.67 0.81 1.40
CA PHE B 22 21.25 2.13 1.58
C PHE B 22 22.30 2.36 0.50
N ASN B 23 22.23 3.50 -0.19
CA ASN B 23 23.22 3.87 -1.21
C ASN B 23 23.32 2.78 -2.28
N GLY B 24 22.23 2.59 -3.01
CA GLY B 24 22.11 1.44 -3.88
C GLY B 24 22.08 0.16 -3.06
N THR B 25 23.08 -0.69 -3.27
CA THR B 25 23.22 -1.91 -2.48
C THR B 25 24.51 -1.92 -1.68
N GLU B 26 25.12 -0.76 -1.44
CA GLU B 26 26.36 -0.72 -0.67
C GLU B 26 26.15 -1.25 0.75
N ARG B 27 25.04 -0.86 1.38
CA ARG B 27 24.70 -1.32 2.72
C ARG B 27 23.33 -1.98 2.65
N VAL B 28 23.24 -3.22 3.14
CA VAL B 28 22.01 -3.99 3.11
C VAL B 28 21.78 -4.60 4.48
N ARG B 29 20.55 -4.55 4.95
CA ARG B 29 20.16 -5.13 6.23
C ARG B 29 18.92 -5.98 6.02
N LEU B 30 18.99 -7.24 6.44
CA LEU B 30 17.84 -8.14 6.39
C LEU B 30 17.19 -8.19 7.75
N LEU B 31 15.89 -7.97 7.79
CA LEU B 31 15.13 -8.08 9.03
C LEU B 31 14.01 -9.06 8.79
N GLU B 32 14.09 -10.23 9.44
CA GLU B 32 13.05 -11.25 9.40
C GLU B 32 12.22 -11.14 10.67
N ARG B 33 10.92 -10.89 10.51
CA ARG B 33 10.05 -10.62 11.65
C ARG B 33 8.89 -11.58 11.67
N CYS B 34 8.64 -12.17 12.84
CA CYS B 34 7.55 -13.11 13.05
C CYS B 34 6.55 -12.44 13.97
N ILE B 35 5.29 -12.39 13.54
CA ILE B 35 4.28 -11.58 14.22
C ILE B 35 3.05 -12.45 14.48
N TYR B 36 2.66 -12.56 15.76
CA TYR B 36 1.44 -13.25 16.14
C TYR B 36 0.38 -12.20 16.48
N ASN B 37 -0.78 -12.29 15.82
CA ASN B 37 -1.84 -11.29 15.91
C ASN B 37 -1.28 -9.92 15.54
N GLN B 38 -1.07 -9.01 16.50
CA GLN B 38 -0.48 -7.73 16.15
C GLN B 38 0.87 -7.49 16.84
N GLU B 39 1.53 -8.53 17.30
CA GLU B 39 2.73 -8.39 18.13
C GLU B 39 3.87 -9.23 17.57
N GLU B 40 4.96 -8.55 17.21
CA GLU B 40 6.17 -9.24 16.80
C GLU B 40 6.72 -10.04 17.98
N SER B 41 7.07 -11.31 17.73
CA SER B 41 7.51 -12.18 18.82
C SER B 41 8.97 -12.60 18.72
N VAL B 42 9.54 -12.66 17.51
CA VAL B 42 10.92 -13.08 17.34
C VAL B 42 11.39 -12.53 16.01
N ARG B 43 12.69 -12.22 15.92
CA ARG B 43 13.20 -11.65 14.69
C ARG B 43 14.64 -12.10 14.46
N PHE B 44 15.04 -12.12 13.19
CA PHE B 44 16.44 -12.23 12.81
C PHE B 44 16.84 -10.90 12.18
N ASP B 45 17.84 -10.26 12.76
CA ASP B 45 18.39 -9.00 12.28
C ASP B 45 19.79 -9.30 11.78
N SER B 46 20.04 -9.06 10.49
CA SER B 46 21.36 -9.37 9.95
C SER B 46 22.46 -8.54 10.60
N ASP B 47 22.12 -7.37 11.16
CA ASP B 47 23.11 -6.60 11.93
C ASP B 47 23.45 -7.26 13.25
N VAL B 48 22.65 -8.21 13.71
CA VAL B 48 22.90 -8.95 14.94
C VAL B 48 23.52 -10.31 14.64
N GLY B 49 22.97 -11.02 13.65
CA GLY B 49 23.54 -12.29 13.22
C GLY B 49 22.92 -13.52 13.86
N GLU B 50 21.91 -13.36 14.72
CA GLU B 50 21.20 -14.50 15.29
C GLU B 50 19.78 -14.06 15.61
N TYR B 51 18.92 -15.04 15.87
CA TYR B 51 17.55 -14.74 16.26
C TYR B 51 17.51 -14.19 17.68
N ARG B 52 16.56 -13.29 17.92
CA ARG B 52 16.35 -12.71 19.25
C ARG B 52 14.86 -12.65 19.54
N ALA B 53 14.47 -13.06 20.75
CA ALA B 53 13.08 -12.92 21.14
C ALA B 53 12.73 -11.44 21.25
N VAL B 54 11.57 -11.07 20.71
CA VAL B 54 11.03 -9.72 20.88
C VAL B 54 10.05 -9.68 22.05
N THR B 55 9.23 -10.73 22.19
CA THR B 55 8.43 -10.98 23.37
C THR B 55 8.78 -12.35 23.92
N GLU B 56 8.35 -12.60 25.17
CA GLU B 56 8.68 -13.88 25.79
C GLU B 56 8.04 -15.04 25.04
N LEU B 57 6.90 -14.79 24.41
CA LEU B 57 6.24 -15.81 23.61
C LEU B 57 7.14 -16.30 22.47
N GLY B 58 8.09 -15.49 22.03
CA GLY B 58 9.03 -15.86 21.00
C GLY B 58 10.36 -16.40 21.48
N ARG B 59 10.61 -16.45 22.79
CA ARG B 59 11.90 -16.96 23.26
C ARG B 59 12.17 -18.42 22.88
N PRO B 60 11.20 -19.35 22.90
CA PRO B 60 11.54 -20.72 22.49
C PRO B 60 11.99 -20.82 21.05
N ASP B 61 11.42 -20.01 20.16
CA ASP B 61 11.77 -20.08 18.75
C ASP B 61 13.19 -19.57 18.51
N ALA B 62 13.55 -18.45 19.13
CA ALA B 62 14.91 -17.94 19.02
C ALA B 62 15.92 -18.97 19.50
N GLU B 63 15.62 -19.65 20.60
CA GLU B 63 16.55 -20.64 21.14
C GLU B 63 16.73 -21.81 20.17
N TYR B 64 15.63 -22.32 19.61
CA TYR B 64 15.73 -23.48 18.73
C TYR B 64 16.43 -23.13 17.43
N TRP B 65 15.99 -22.06 16.77
CA TRP B 65 16.62 -21.70 15.50
C TRP B 65 18.09 -21.32 15.67
N ASN B 66 18.47 -20.70 16.80
CA ASN B 66 19.88 -20.38 17.00
C ASN B 66 20.72 -21.63 17.21
N SER B 67 20.11 -22.77 17.53
CA SER B 67 20.83 -24.04 17.62
C SER B 67 21.06 -24.67 16.26
N GLN B 68 20.43 -24.16 15.20
CA GLN B 68 20.50 -24.75 13.86
C GLN B 68 21.51 -23.94 13.05
N LYS B 69 22.75 -24.45 12.96
CA LYS B 69 23.82 -23.65 12.41
C LYS B 69 23.71 -23.50 10.90
N ASP B 70 23.14 -24.49 10.21
CA ASP B 70 22.91 -24.34 8.77
C ASP B 70 21.93 -23.21 8.49
N LEU B 71 20.86 -23.13 9.28
CA LEU B 71 19.90 -22.04 9.12
C LEU B 71 20.57 -20.69 9.35
N LEU B 72 21.34 -20.57 10.43
CA LEU B 72 22.00 -19.30 10.72
C LEU B 72 22.95 -18.90 9.60
N GLU B 73 23.71 -19.86 9.07
CA GLU B 73 24.62 -19.58 7.95
C GLU B 73 23.85 -19.07 6.75
N GLN B 74 22.75 -19.73 6.41
CA GLN B 74 21.95 -19.32 5.26
C GLN B 74 21.36 -17.94 5.46
N ARG B 75 20.84 -17.65 6.66
CA ARG B 75 20.27 -16.33 6.91
C ARG B 75 21.34 -15.25 6.90
N ARG B 76 22.54 -15.55 7.42
CA ARG B 76 23.59 -14.53 7.43
C ARG B 76 24.06 -14.18 6.04
N ALA B 77 24.02 -15.14 5.12
CA ALA B 77 24.38 -14.89 3.73
C ALA B 77 23.23 -14.33 2.89
N ALA B 78 22.03 -14.27 3.44
CA ALA B 78 20.86 -13.85 2.67
C ALA B 78 20.95 -12.39 2.22
N VAL B 79 21.75 -11.54 2.88
CA VAL B 79 21.91 -10.18 2.38
C VAL B 79 22.46 -10.20 0.95
N ASP B 80 23.25 -11.21 0.61
CA ASP B 80 23.72 -11.37 -0.75
C ASP B 80 22.82 -12.28 -1.59
N THR B 81 22.53 -13.49 -1.12
CA THR B 81 21.82 -14.45 -1.97
C THR B 81 20.38 -14.06 -2.20
N TYR B 82 19.82 -13.23 -1.33
CA TYR B 82 18.39 -12.91 -1.36
C TYR B 82 18.17 -11.42 -1.62
N CYS B 83 18.63 -10.55 -0.71
CA CYS B 83 18.37 -9.12 -0.83
C CYS B 83 19.01 -8.53 -2.08
N ARG B 84 20.33 -8.69 -2.22
CA ARG B 84 20.98 -8.10 -3.40
C ARG B 84 20.52 -8.77 -4.68
N HIS B 85 20.21 -10.06 -4.64
CA HIS B 85 19.68 -10.72 -5.84
C HIS B 85 18.37 -10.07 -6.27
N ASN B 86 17.39 -10.02 -5.36
CA ASN B 86 16.08 -9.50 -5.71
C ASN B 86 16.14 -8.01 -6.06
N TYR B 87 17.04 -7.26 -5.44
CA TYR B 87 17.24 -5.86 -5.84
C TYR B 87 17.60 -5.77 -7.31
N GLY B 88 18.52 -6.63 -7.76
CA GLY B 88 18.95 -6.58 -9.15
C GLY B 88 17.90 -7.08 -10.11
N VAL B 89 17.01 -7.97 -9.66
CA VAL B 89 15.93 -8.46 -10.49
C VAL B 89 15.03 -7.32 -10.95
N GLY B 90 14.59 -6.49 -10.02
CA GLY B 90 13.61 -5.47 -10.32
C GLY B 90 14.10 -4.05 -10.38
N GLU B 91 15.42 -3.81 -10.32
CA GLU B 91 15.94 -2.46 -10.20
C GLU B 91 15.41 -1.54 -11.30
N SER B 92 15.31 -2.06 -12.52
CA SER B 92 14.99 -1.20 -13.66
C SER B 92 13.54 -0.73 -13.66
N PHE B 93 12.63 -1.47 -13.03
CA PHE B 93 11.22 -1.10 -13.09
C PHE B 93 10.65 -0.76 -11.72
N THR B 94 11.50 -0.68 -10.69
CA THR B 94 11.08 -0.25 -9.36
C THR B 94 11.92 0.94 -8.92
N VAL B 95 13.20 0.71 -8.58
CA VAL B 95 14.10 1.79 -8.20
C VAL B 95 14.10 2.89 -9.26
N GLN B 96 14.23 2.51 -10.53
CA GLN B 96 14.33 3.44 -11.65
C GLN B 96 12.99 3.89 -12.21
N ARG B 97 11.87 3.43 -11.65
CA ARG B 97 10.56 3.81 -12.16
C ARG B 97 10.33 5.31 -12.01
N ARG B 98 9.95 5.96 -13.10
CA ARG B 98 9.59 7.38 -13.08
CA ARG B 98 9.61 7.39 -13.12
C ARG B 98 8.37 7.56 -13.98
N VAL B 99 7.32 8.14 -13.39
CA VAL B 99 6.07 8.41 -14.10
C VAL B 99 5.72 9.87 -13.88
N GLU B 100 5.52 10.59 -14.99
CA GLU B 100 5.28 12.03 -14.99
C GLU B 100 3.88 12.37 -14.48
N PRO B 101 3.76 13.33 -13.58
CA PRO B 101 2.43 13.76 -13.10
C PRO B 101 1.63 14.44 -14.19
N LYS B 102 0.31 14.28 -14.10
CA LYS B 102 -0.63 15.14 -14.82
C LYS B 102 -1.07 16.26 -13.88
N VAL B 103 -1.06 17.49 -14.37
CA VAL B 103 -1.28 18.66 -13.53
C VAL B 103 -2.50 19.41 -14.06
N THR B 104 -3.46 19.67 -13.17
CA THR B 104 -4.70 20.36 -13.51
C THR B 104 -4.97 21.45 -12.49
N VAL B 105 -5.44 22.61 -12.95
CA VAL B 105 -5.81 23.71 -12.08
CA VAL B 105 -5.82 23.69 -12.07
C VAL B 105 -7.26 24.09 -12.36
N TYR B 106 -8.03 24.31 -11.29
CA TYR B 106 -9.43 24.68 -11.43
C TYR B 106 -9.86 25.36 -10.14
N PRO B 107 -10.86 26.24 -10.19
CA PRO B 107 -11.44 26.78 -8.95
C PRO B 107 -12.22 25.70 -8.21
N SER B 108 -12.11 25.73 -6.89
CA SER B 108 -12.95 24.88 -6.07
C SER B 108 -14.42 25.19 -6.32
N LYS B 109 -15.26 24.16 -6.22
CA LYS B 109 -16.69 24.41 -6.23
C LYS B 109 -17.14 25.16 -4.98
N THR B 110 -16.33 25.15 -3.92
CA THR B 110 -16.56 25.96 -2.75
C THR B 110 -15.88 27.30 -2.94
N GLN B 111 -16.66 28.38 -2.94
CA GLN B 111 -16.12 29.73 -3.05
C GLN B 111 -16.74 30.56 -1.93
N PRO B 112 -16.08 30.60 -0.77
CA PRO B 112 -16.73 31.16 0.43
C PRO B 112 -16.73 32.68 0.50
N LEU B 113 -15.83 33.38 -0.19
CA LEU B 113 -15.65 34.81 0.00
C LEU B 113 -15.76 35.55 -1.32
N GLN B 114 -16.57 36.61 -1.34
CA GLN B 114 -16.64 37.48 -2.51
C GLN B 114 -15.28 38.08 -2.79
N HIS B 115 -15.01 38.33 -4.07
CA HIS B 115 -13.75 38.90 -4.56
C HIS B 115 -12.56 37.99 -4.30
N HIS B 116 -12.79 36.74 -3.88
CA HIS B 116 -11.74 35.76 -3.74
C HIS B 116 -12.00 34.61 -4.70
N ASN B 117 -10.93 33.89 -5.04
CA ASN B 117 -11.02 32.69 -5.85
C ASN B 117 -10.14 31.62 -5.24
N LEU B 118 -10.77 30.61 -4.65
CA LEU B 118 -10.06 29.46 -4.13
C LEU B 118 -9.65 28.55 -5.28
N LEU B 119 -8.36 28.41 -5.52
CA LEU B 119 -7.84 27.61 -6.63
C LEU B 119 -7.35 26.26 -6.12
N VAL B 120 -7.49 25.25 -6.96
CA VAL B 120 -7.07 23.89 -6.66
C VAL B 120 -6.06 23.46 -7.71
N CYS B 121 -4.94 22.92 -7.27
CA CYS B 121 -4.00 22.28 -8.18
C CYS B 121 -3.98 20.80 -7.88
N SER B 122 -4.44 19.99 -8.83
CA SER B 122 -4.45 18.54 -8.73
C SER B 122 -3.24 17.98 -9.47
N VAL B 123 -2.42 17.21 -8.77
CA VAL B 123 -1.24 16.58 -9.36
C VAL B 123 -1.43 15.08 -9.20
N SER B 124 -1.62 14.37 -10.31
CA SER B 124 -2.03 12.97 -10.23
C SER B 124 -1.18 12.07 -11.12
N GLY B 125 -1.08 10.82 -10.70
CA GLY B 125 -0.50 9.78 -11.54
C GLY B 125 1.01 9.71 -11.56
N PHE B 126 1.68 10.17 -10.51
CA PHE B 126 3.14 10.25 -10.55
C PHE B 126 3.80 9.18 -9.70
N TYR B 127 5.08 8.92 -10.03
CA TYR B 127 5.94 8.01 -9.28
C TYR B 127 7.37 8.41 -9.54
N PRO B 128 8.26 8.41 -8.53
CA PRO B 128 8.02 8.08 -7.12
C PRO B 128 7.35 9.23 -6.35
N GLY B 129 7.30 9.12 -5.02
CA GLY B 129 6.48 10.03 -4.24
C GLY B 129 7.10 11.38 -3.97
N SER B 130 8.43 11.48 -4.05
CA SER B 130 9.08 12.76 -3.80
C SER B 130 8.66 13.78 -4.84
N ILE B 131 8.15 14.92 -4.38
CA ILE B 131 7.56 15.92 -5.26
C ILE B 131 7.49 17.24 -4.51
N GLU B 132 7.50 18.33 -5.26
CA GLU B 132 7.18 19.66 -4.74
C GLU B 132 6.09 20.24 -5.62
N VAL B 133 5.03 20.74 -4.98
CA VAL B 133 3.92 21.40 -5.68
C VAL B 133 3.82 22.79 -5.10
N ARG B 134 4.01 23.81 -5.93
CA ARG B 134 4.19 25.17 -5.46
C ARG B 134 3.35 26.13 -6.26
N TRP B 135 2.80 27.13 -5.58
CA TRP B 135 1.97 28.15 -6.21
C TRP B 135 2.79 29.41 -6.40
N PHE B 136 2.62 30.03 -7.56
CA PHE B 136 3.25 31.30 -7.88
C PHE B 136 2.18 32.31 -8.26
N ARG B 137 2.40 33.56 -7.87
CA ARG B 137 1.62 34.69 -8.35
C ARG B 137 2.58 35.54 -9.16
N ASN B 138 2.39 35.58 -10.47
CA ASN B 138 3.37 36.16 -11.41
C ASN B 138 4.67 35.40 -11.18
N GLY B 139 5.78 36.05 -10.87
CA GLY B 139 7.03 35.36 -10.56
C GLY B 139 7.29 35.13 -9.10
N GLN B 140 6.31 35.41 -8.24
CA GLN B 140 6.49 35.38 -6.79
C GLN B 140 5.90 34.09 -6.24
N GLU B 141 6.71 33.34 -5.49
CA GLU B 141 6.24 32.10 -4.88
C GLU B 141 5.28 32.44 -3.74
N GLU B 142 4.16 31.76 -3.70
CA GLU B 142 3.14 31.99 -2.68
C GLU B 142 3.36 31.01 -1.54
N LYS B 143 3.56 31.54 -0.34
CA LYS B 143 3.70 30.71 0.86
C LYS B 143 2.51 30.81 1.78
N ALA B 144 1.86 31.97 1.84
CA ALA B 144 0.68 32.15 2.66
C ALA B 144 -0.56 31.59 1.98
N GLY B 145 -1.49 31.10 2.79
CA GLY B 145 -2.77 30.67 2.29
C GLY B 145 -2.76 29.39 1.48
N VAL B 146 -1.75 28.54 1.66
CA VAL B 146 -1.63 27.28 0.93
C VAL B 146 -1.92 26.12 1.87
N VAL B 147 -2.70 25.16 1.38
CA VAL B 147 -2.97 23.93 2.10
CA VAL B 147 -3.02 23.92 2.09
C VAL B 147 -2.75 22.76 1.16
N SER B 148 -2.05 21.74 1.65
CA SER B 148 -1.80 20.54 0.86
C SER B 148 -2.41 19.32 1.54
N THR B 149 -2.90 18.37 0.73
CA THR B 149 -3.31 17.08 1.25
C THR B 149 -2.14 16.17 1.57
N GLY B 150 -0.93 16.50 1.15
CA GLY B 150 0.15 15.53 1.23
C GLY B 150 0.00 14.41 0.19
N LEU B 151 0.91 13.45 0.27
CA LEU B 151 0.91 12.33 -0.67
C LEU B 151 -0.25 11.39 -0.40
N ILE B 152 -0.90 10.94 -1.46
CA ILE B 152 -1.92 9.91 -1.40
C ILE B 152 -1.48 8.78 -2.32
N GLN B 153 -1.39 7.57 -1.77
CA GLN B 153 -1.06 6.40 -2.58
C GLN B 153 -2.34 5.86 -3.22
N ASN B 154 -2.30 5.65 -4.55
CA ASN B 154 -3.47 5.11 -5.26
C ASN B 154 -3.52 3.59 -5.30
N GLY B 155 -2.44 2.90 -4.92
CA GLY B 155 -2.39 1.46 -4.90
C GLY B 155 -1.90 0.82 -6.18
N ASP B 156 -1.70 1.60 -7.24
CA ASP B 156 -1.35 1.09 -8.56
C ASP B 156 0.01 1.61 -9.01
N TRP B 157 0.91 1.89 -8.05
CA TRP B 157 2.23 2.45 -8.30
C TRP B 157 2.15 3.87 -8.85
N THR B 158 1.12 4.62 -8.47
CA THR B 158 1.07 6.07 -8.67
C THR B 158 0.60 6.73 -7.39
N PHE B 159 0.94 8.01 -7.28
CA PHE B 159 0.52 8.88 -6.19
C PHE B 159 -0.29 10.05 -6.76
N GLN B 160 -1.01 10.73 -5.88
CA GLN B 160 -1.60 12.01 -6.24
C GLN B 160 -1.57 12.91 -5.02
N THR B 161 -1.80 14.20 -5.26
CA THR B 161 -1.86 15.19 -4.19
C THR B 161 -2.65 16.38 -4.68
N LEU B 162 -3.15 17.17 -3.73
CA LEU B 162 -4.01 18.30 -4.01
C LEU B 162 -3.50 19.47 -3.19
N VAL B 163 -3.24 20.61 -3.83
CA VAL B 163 -2.74 21.79 -3.15
C VAL B 163 -3.64 22.96 -3.53
N MET B 164 -4.18 23.66 -2.52
CA MET B 164 -5.12 24.75 -2.73
C MET B 164 -4.54 26.08 -2.28
N LEU B 165 -5.02 27.14 -2.93
CA LEU B 165 -4.53 28.49 -2.67
C LEU B 165 -5.72 29.44 -2.70
N GLU B 166 -5.95 30.16 -1.61
CA GLU B 166 -6.90 31.27 -1.62
C GLU B 166 -6.28 32.46 -2.31
N THR B 167 -6.95 33.00 -3.33
CA THR B 167 -6.43 34.15 -4.06
C THR B 167 -7.41 35.31 -4.03
N VAL B 168 -6.87 36.51 -4.19
CA VAL B 168 -7.66 37.72 -4.45
C VAL B 168 -7.28 38.14 -5.86
N PRO B 169 -8.03 37.71 -6.88
CA PRO B 169 -7.59 37.93 -8.26
C PRO B 169 -7.60 39.41 -8.61
N ARG B 170 -6.51 39.85 -9.24
CA ARG B 170 -6.42 41.20 -9.78
C ARG B 170 -6.04 41.12 -11.25
N SER B 171 -6.62 42.01 -12.07
CA SER B 171 -6.32 41.99 -13.50
C SER B 171 -4.82 42.15 -13.73
N GLY B 172 -4.26 41.33 -14.61
CA GLY B 172 -2.84 41.32 -14.88
C GLY B 172 -2.06 40.25 -14.15
N GLU B 173 -2.69 39.54 -13.22
CA GLU B 173 -2.04 38.47 -12.49
C GLU B 173 -2.20 37.15 -13.22
N VAL B 174 -1.18 36.31 -13.13
CA VAL B 174 -1.24 34.92 -13.58
C VAL B 174 -0.79 34.04 -12.43
N TYR B 175 -1.59 33.05 -12.07
CA TYR B 175 -1.26 32.11 -11.00
C TYR B 175 -0.81 30.79 -11.62
N THR B 176 0.34 30.28 -11.17
CA THR B 176 0.91 29.07 -11.71
C THR B 176 1.03 28.03 -10.61
N CYS B 177 0.58 26.82 -10.92
CA CYS B 177 0.93 25.66 -10.13
C CYS B 177 2.15 25.03 -10.80
N GLN B 178 3.25 24.94 -10.07
CA GLN B 178 4.52 24.47 -10.59
C GLN B 178 4.93 23.20 -9.84
N VAL B 179 5.34 22.17 -10.57
CA VAL B 179 5.63 20.86 -9.99
C VAL B 179 7.09 20.51 -10.29
N GLU B 180 7.85 20.21 -9.24
CA GLU B 180 9.20 19.67 -9.33
C GLU B 180 9.12 18.17 -9.04
N HIS B 181 9.66 17.34 -9.93
CA HIS B 181 9.51 15.89 -9.78
C HIS B 181 10.65 15.19 -10.52
N PRO B 182 11.13 14.04 -10.01
CA PRO B 182 12.25 13.36 -10.68
C PRO B 182 11.99 12.93 -12.12
N SER B 183 10.73 12.85 -12.53
CA SER B 183 10.40 12.40 -13.89
C SER B 183 10.64 13.46 -14.95
N VAL B 184 10.88 14.72 -14.57
CA VAL B 184 11.04 15.81 -15.53
C VAL B 184 12.25 16.64 -15.16
N THR B 185 12.98 17.12 -16.18
CA THR B 185 14.15 17.95 -15.97
C THR B 185 13.80 19.43 -15.91
N SER B 186 12.64 19.81 -16.44
CA SER B 186 12.07 21.13 -16.28
CA SER B 186 12.08 21.13 -16.27
C SER B 186 10.74 21.03 -15.55
N PRO B 187 10.45 21.95 -14.64
CA PRO B 187 9.21 21.85 -13.86
C PRO B 187 7.98 21.90 -14.76
N LEU B 188 6.95 21.14 -14.36
CA LEU B 188 5.65 21.25 -15.01
C LEU B 188 4.94 22.49 -14.51
N THR B 189 4.29 23.22 -15.41
CA THR B 189 3.59 24.43 -15.00
C THR B 189 2.22 24.48 -15.66
N VAL B 190 1.23 24.89 -14.87
CA VAL B 190 -0.12 25.07 -15.37
C VAL B 190 -0.64 26.37 -14.80
N GLU B 191 -1.25 27.21 -15.64
CA GLU B 191 -1.52 28.59 -15.28
C GLU B 191 -3.01 28.87 -15.23
N TRP B 192 -3.39 29.70 -14.26
CA TRP B 192 -4.75 30.27 -14.15
C TRP B 192 -4.62 31.78 -14.23
N ARG B 193 -5.20 32.38 -15.26
CA ARG B 193 -5.09 33.82 -15.45
C ARG B 193 -6.27 34.51 -14.78
N ALA B 194 -5.98 35.53 -13.99
CA ALA B 194 -7.04 36.26 -13.26
C ALA B 194 -7.86 37.18 -14.15
N PHE C 1 15.86 -17.20 -16.71
CA PHE C 1 14.78 -16.35 -16.23
C PHE C 1 15.30 -15.30 -15.23
N ASN C 2 14.60 -14.18 -15.13
CA ASN C 2 14.88 -13.13 -14.17
C ASN C 2 13.94 -13.37 -12.99
N CYS C 3 14.44 -14.05 -11.95
CA CYS C 3 13.59 -14.69 -10.96
CA CYS C 3 13.60 -14.69 -10.95
C CYS C 3 13.74 -14.05 -9.58
N TYR C 4 12.62 -13.62 -9.01
CA TYR C 4 12.59 -13.27 -7.60
C TYR C 4 12.77 -14.55 -6.78
N PHE C 5 13.67 -14.51 -5.80
CA PHE C 5 13.87 -15.66 -4.91
C PHE C 5 13.15 -15.43 -3.59
N PRO C 6 12.40 -16.40 -3.07
CA PRO C 6 11.86 -16.24 -1.72
C PRO C 6 12.85 -16.73 -0.68
N LEU C 7 12.72 -16.22 0.53
CA LEU C 7 13.35 -16.85 1.66
C LEU C 7 12.40 -17.92 2.19
N ARG C 8 12.95 -19.09 2.53
CA ARG C 8 12.14 -20.20 3.01
C ARG C 8 11.76 -20.01 4.47
N SER C 9 10.50 -20.26 4.80
CA SER C 9 10.07 -20.28 6.18
C SER C 9 10.26 -21.69 6.75
N TYR C 10 10.68 -21.76 8.01
CA TYR C 10 10.93 -23.02 8.68
C TYR C 10 10.03 -23.16 9.89
N SER C 11 9.69 -24.39 10.22
CA SER C 11 8.78 -24.65 11.33
C SER C 11 9.53 -24.52 12.65
N PHE C 12 8.76 -24.46 13.74
CA PHE C 12 9.34 -24.50 15.06
C PHE C 12 9.86 -25.91 15.34
N ARG C 13 10.39 -26.11 16.54
CA ARG C 13 10.93 -27.43 16.89
C ARG C 13 9.85 -28.50 16.74
N PRO C 14 10.08 -29.54 15.93
CA PRO C 14 9.13 -30.65 15.75
C PRO C 14 8.88 -31.43 17.05
#